data_1DIT
#
_entry.id   1DIT
#
_cell.length_a   70.900
_cell.length_b   72.200
_cell.length_c   73.200
_cell.angle_alpha   90.00
_cell.angle_beta   100.90
_cell.angle_gamma   90.00
#
_symmetry.space_group_name_H-M   'C 1 2 1'
#
loop_
_entity.id
_entity.type
_entity.pdbx_description
1 polymer ALPHA-THROMBIN
2 polymer ALPHA-THROMBIN
3 polymer 'PEPTIDE INHIBITOR CVS995'
4 water water
#
loop_
_entity_poly.entity_id
_entity_poly.type
_entity_poly.pdbx_seq_one_letter_code
_entity_poly.pdbx_strand_id
1 'polypeptide(L)' TFGSGEADCGLRPLFEKKSLEDKTERELLESYIDGR L
2 'polypeptide(L)'
;IVEGSDAEIGMSPWQVMLFRKSPQELLCGASLISDRWVLTAAHCLLYPPWDKNFTENDLLVRIGKHSRTRYERNIEKISM
LEKIYIHPRYNWRENLDRDIALMKLKKPVAFSDYIHPVCLPDRETAASLLQAGYKGRVTGWGNLKETWTANVGKGQPSVL
QVVNLPIVERPVCKDSTRIRITDNMFCAGYKPDEGKRGDACEGDSGGPFVMKSPFNNRWYQMGIVSWGEGCDRDGKYGFY
THVFRLKKWIQKVIDQFGE
;
H
3 'polypeptide(L)' (2PP)DP(0MG)GGGGGNGDFEEIPEYL P
#
# COMPACT_ATOMS: atom_id res chain seq x y z
N GLY A 5 -11.18 4.90 -14.89
CA GLY A 5 -10.17 5.92 -15.25
C GLY A 5 -9.18 5.96 -14.11
N GLU A 6 -9.27 7.16 -13.69
CA GLU A 6 -8.87 7.77 -12.45
C GLU A 6 -9.81 8.97 -12.44
N ALA A 7 -10.85 8.78 -13.31
CA ALA A 7 -11.99 9.71 -13.52
C ALA A 7 -13.20 9.14 -12.77
N ASP A 8 -12.99 7.87 -12.44
CA ASP A 8 -13.93 7.03 -11.70
C ASP A 8 -13.17 6.37 -10.53
N CYS A 9 -11.98 6.91 -10.30
CA CYS A 9 -11.08 6.45 -9.24
C CYS A 9 -11.79 6.48 -7.88
N GLY A 10 -11.41 5.53 -7.04
CA GLY A 10 -11.91 5.42 -5.65
C GLY A 10 -13.39 5.03 -5.55
N LEU A 11 -13.94 4.51 -6.63
CA LEU A 11 -15.34 4.02 -6.62
C LEU A 11 -15.33 2.56 -7.03
N ARG A 12 -15.41 1.71 -6.01
CA ARG A 12 -15.30 0.25 -6.19
C ARG A 12 -16.54 -0.33 -6.87
N PRO A 13 -16.32 -1.08 -7.96
CA PRO A 13 -17.39 -1.68 -8.72
C PRO A 13 -18.35 -2.51 -7.88
N LEU A 14 -17.86 -3.24 -6.88
CA LEU A 14 -18.75 -4.13 -6.10
C LEU A 14 -19.25 -3.51 -4.79
N PHE A 15 -18.96 -2.24 -4.58
CA PHE A 15 -19.39 -1.58 -3.34
C PHE A 15 -20.04 -0.21 -3.65
N GLU A 16 -19.24 0.85 -3.79
CA GLU A 16 -19.77 2.23 -4.07
C GLU A 16 -20.69 2.20 -5.29
N LYS A 17 -20.19 1.62 -6.38
CA LYS A 17 -20.99 1.52 -7.59
C LYS A 17 -22.38 0.89 -7.46
N LYS A 18 -22.68 0.06 -6.47
CA LYS A 18 -23.90 -0.62 -6.26
C LYS A 18 -24.57 -0.17 -4.98
N SER A 19 -23.90 0.82 -4.39
CA SER A 19 -24.34 1.34 -3.08
C SER A 19 -24.33 0.31 -1.93
N LEU A 20 -23.43 -0.65 -1.90
CA LEU A 20 -23.24 -1.71 -0.89
C LEU A 20 -22.14 -1.19 0.06
N GLU A 21 -21.99 -1.42 1.19
CA GLU A 21 -20.94 -1.08 2.15
C GLU A 21 -20.14 -2.30 2.60
N ASP A 22 -18.82 -2.16 2.71
CA ASP A 22 -17.99 -3.24 3.25
C ASP A 22 -18.24 -3.25 4.78
N LYS A 23 -17.85 -4.38 5.37
CA LYS A 23 -18.12 -4.66 6.78
C LYS A 23 -17.49 -3.69 7.78
N THR A 24 -16.39 -3.02 7.48
CA THR A 24 -15.82 -2.13 8.51
C THR A 24 -15.62 -0.69 8.07
N GLU A 25 -16.12 -0.32 6.90
CA GLU A 25 -15.89 1.05 6.44
C GLU A 25 -16.54 2.09 7.39
N ARG A 26 -17.61 1.71 8.08
CA ARG A 26 -18.30 2.64 9.01
C ARG A 26 -17.34 3.08 10.16
N GLU A 27 -16.40 2.22 10.57
CA GLU A 27 -15.40 2.53 11.64
C GLU A 27 -14.52 3.68 11.17
N LEU A 28 -14.24 3.69 9.88
CA LEU A 28 -13.52 4.79 9.25
C LEU A 28 -14.28 6.12 9.36
N LEU A 29 -15.45 6.13 8.72
CA LEU A 29 -16.31 7.30 8.64
C LEU A 29 -16.62 7.85 10.04
N GLU A 30 -16.76 6.92 10.95
CA GLU A 30 -17.08 7.34 12.33
C GLU A 30 -15.92 7.99 13.05
N SER A 31 -14.71 7.82 12.55
CA SER A 31 -13.52 8.32 13.23
C SER A 31 -13.31 9.74 12.70
N TYR A 32 -13.96 9.95 11.54
CA TYR A 32 -13.74 11.29 10.95
C TYR A 32 -14.51 12.20 11.89
N ILE A 33 -14.54 11.79 13.15
CA ILE A 33 -15.29 12.50 14.19
C ILE A 33 -16.77 12.60 13.80
N ILE B 1 0.08 -8.30 7.68
CA ILE B 1 -0.89 -7.63 8.52
C ILE B 1 -1.06 -8.45 9.80
N VAL B 2 -0.98 -7.86 10.97
CA VAL B 2 -1.20 -8.43 12.29
C VAL B 2 -2.51 -7.96 12.88
N GLU B 3 -3.35 -8.91 13.30
CA GLU B 3 -4.63 -8.62 13.95
C GLU B 3 -5.66 -7.99 13.01
N GLY B 4 -5.66 -8.27 11.76
CA GLY B 4 -6.51 -7.88 10.66
C GLY B 4 -7.49 -9.04 10.36
N SER B 5 -8.21 -9.04 9.32
CA SER B 5 -9.14 -10.10 8.94
C SER B 5 -9.11 -10.21 7.43
N ASP B 6 -9.80 -11.27 6.98
CA ASP B 6 -9.78 -11.45 5.53
C ASP B 6 -10.52 -10.29 4.83
N ALA B 7 -9.89 -9.84 3.76
CA ALA B 7 -10.53 -8.84 2.93
C ALA B 7 -11.79 -9.55 2.35
N GLU B 8 -12.78 -8.70 2.14
CA GLU B 8 -13.98 -9.19 1.36
C GLU B 8 -13.54 -9.21 -0.11
N ILE B 9 -14.31 -9.87 -0.96
CA ILE B 9 -13.95 -9.84 -2.40
C ILE B 9 -14.22 -8.44 -2.98
N GLY B 10 -13.32 -7.91 -3.75
CA GLY B 10 -13.43 -6.61 -4.41
C GLY B 10 -13.34 -5.44 -3.41
N MET B 11 -12.98 -5.70 -2.18
CA MET B 11 -12.84 -4.63 -1.16
C MET B 11 -11.72 -3.64 -1.47
N SER B 12 -10.75 -4.04 -2.19
CA SER B 12 -9.52 -3.16 -2.40
C SER B 12 -8.99 -3.49 -3.79
N PRO B 13 -9.74 -3.03 -4.79
CA PRO B 13 -9.42 -3.41 -6.17
C PRO B 13 -8.20 -2.79 -6.79
N TRP B 14 -7.51 -1.96 -6.05
CA TRP B 14 -6.30 -1.30 -6.50
C TRP B 14 -5.05 -2.06 -5.98
N GLN B 15 -5.22 -2.99 -5.10
CA GLN B 15 -4.20 -3.78 -4.51
C GLN B 15 -3.39 -4.58 -5.55
N VAL B 16 -2.08 -4.31 -5.62
CA VAL B 16 -1.22 -5.08 -6.56
C VAL B 16 -0.27 -6.01 -5.83
N MET B 17 0.18 -7.07 -6.51
CA MET B 17 1.21 -7.97 -5.94
C MET B 17 2.50 -7.78 -6.71
N LEU B 18 3.62 -7.48 -6.11
CA LEU B 18 4.95 -7.37 -6.76
C LEU B 18 5.49 -8.83 -6.65
N PHE B 19 5.81 -9.41 -7.77
CA PHE B 19 6.13 -10.85 -7.81
C PHE B 19 7.40 -11.12 -8.61
N ARG B 20 8.30 -11.85 -7.95
CA ARG B 20 9.55 -12.18 -8.66
C ARG B 20 9.36 -13.48 -9.48
N LYS B 21 9.90 -13.36 -10.67
CA LYS B 21 9.86 -14.36 -11.75
C LYS B 21 10.58 -15.62 -11.30
N SER B 22 11.81 -15.49 -10.80
CA SER B 22 12.53 -16.68 -10.30
C SER B 22 13.67 -16.33 -9.35
N PRO B 23 13.69 -16.88 -8.14
CA PRO B 23 12.65 -17.76 -7.62
C PRO B 23 11.34 -16.94 -7.72
N GLN B 24 10.27 -17.62 -7.47
CA GLN B 24 8.90 -17.11 -7.49
C GLN B 24 8.63 -16.90 -5.99
N GLU B 25 8.41 -15.63 -5.69
CA GLU B 25 8.14 -15.14 -4.35
C GLU B 25 7.50 -13.75 -4.43
N LEU B 26 6.81 -13.36 -3.38
CA LEU B 26 6.13 -12.10 -3.18
C LEU B 26 7.21 -11.10 -2.69
N LEU B 27 7.44 -10.10 -3.52
CA LEU B 27 8.38 -9.03 -3.18
C LEU B 27 7.75 -8.04 -2.18
N CYS B 28 6.56 -7.52 -2.56
CA CYS B 28 5.82 -6.46 -1.90
C CYS B 28 4.40 -6.33 -2.44
N GLY B 29 3.65 -5.44 -1.79
CA GLY B 29 2.35 -4.94 -2.19
C GLY B 29 2.67 -3.75 -3.11
N ALA B 30 1.58 -3.13 -3.55
CA ALA B 30 1.64 -1.95 -4.48
C ALA B 30 0.14 -1.57 -4.73
N SER B 31 -0.05 -0.50 -5.53
CA SER B 31 -1.36 -0.03 -5.81
C SER B 31 -1.53 0.51 -7.24
N LEU B 32 -2.75 0.24 -7.73
CA LEU B 32 -3.08 0.62 -9.14
C LEU B 32 -3.65 2.06 -9.07
N ILE B 33 -2.95 2.95 -9.75
CA ILE B 33 -3.28 4.40 -9.80
C ILE B 33 -3.93 4.82 -11.14
N SER B 34 -3.84 4.01 -12.18
CA SER B 34 -4.49 4.28 -13.46
C SER B 34 -4.34 3.02 -14.27
N ASP B 35 -4.59 3.03 -15.57
CA ASP B 35 -4.49 1.75 -16.32
C ASP B 35 -3.09 1.33 -16.70
N ARG B 36 -2.08 2.11 -16.50
CA ARG B 36 -0.71 1.67 -16.80
C ARG B 36 0.35 2.04 -15.74
N TRP B 37 -0.07 2.50 -14.60
CA TRP B 37 0.72 3.03 -13.49
C TRP B 37 0.47 2.40 -12.12
N VAL B 38 1.63 1.88 -11.61
CA VAL B 38 1.56 1.26 -10.25
C VAL B 38 2.48 2.03 -9.32
N LEU B 39 2.05 2.27 -8.11
CA LEU B 39 2.77 3.00 -7.09
C LEU B 39 3.29 2.03 -6.01
N THR B 40 4.54 2.21 -5.62
CA THR B 40 5.06 1.29 -4.53
C THR B 40 6.14 1.99 -3.73
N ALA B 41 6.77 1.34 -2.79
CA ALA B 41 7.88 1.83 -1.90
C ALA B 41 9.14 1.62 -2.73
N ALA B 42 9.96 2.64 -2.88
CA ALA B 42 11.25 2.52 -3.62
C ALA B 42 12.13 1.38 -3.00
N HIS B 43 12.02 1.17 -1.69
CA HIS B 43 12.83 0.13 -1.04
C HIS B 43 12.45 -1.36 -1.40
N CYS B 44 11.34 -1.52 -2.12
CA CYS B 44 11.00 -2.87 -2.58
C CYS B 44 11.81 -3.21 -3.84
N LEU B 45 12.44 -2.22 -4.45
CA LEU B 45 13.19 -2.36 -5.68
C LEU B 45 14.68 -2.13 -5.48
N LEU B 46 15.10 -1.17 -4.70
CA LEU B 46 16.39 -0.69 -4.35
C LEU B 46 16.65 -0.57 -2.87
N TYR B 47 17.50 -1.51 -2.43
CA TYR B 47 17.91 -1.52 -1.00
C TYR B 47 19.32 -2.14 -0.89
N PRO B 48 20.30 -1.30 -1.18
CA PRO B 48 21.71 -1.71 -1.22
C PRO B 48 22.24 -2.41 0.01
N PRO B 49 21.83 -2.12 1.20
CA PRO B 49 22.26 -2.86 2.38
C PRO B 49 21.98 -4.34 2.33
N TRP B 50 21.03 -4.72 1.52
CA TRP B 50 20.55 -6.08 1.41
C TRP B 50 20.86 -6.57 0.00
N ASP B 51 21.62 -5.79 -0.71
CA ASP B 51 21.96 -6.14 -2.08
C ASP B 51 20.73 -6.23 -2.97
N LYS B 52 19.60 -5.62 -2.75
CA LYS B 52 18.42 -5.59 -3.64
C LYS B 52 18.56 -4.42 -4.63
N ASN B 53 18.49 -4.71 -5.90
CA ASN B 53 18.55 -3.76 -7.00
C ASN B 53 17.79 -4.34 -8.22
N PHE B 54 16.47 -4.47 -8.12
CA PHE B 54 15.61 -4.99 -9.18
C PHE B 54 15.44 -4.05 -10.37
N THR B 55 15.41 -4.66 -11.55
CA THR B 55 15.13 -4.06 -12.85
C THR B 55 13.79 -4.64 -13.35
N GLU B 56 13.32 -3.99 -14.37
CA GLU B 56 12.07 -4.29 -15.07
C GLU B 56 11.89 -5.77 -15.39
N ASN B 57 12.95 -6.37 -15.88
CA ASN B 57 12.98 -7.79 -16.31
C ASN B 57 12.84 -8.73 -15.13
N ASP B 58 13.07 -8.21 -13.90
CA ASP B 58 13.07 -9.10 -12.72
C ASP B 58 11.71 -9.45 -12.20
N LEU B 59 10.77 -8.58 -12.52
CA LEU B 59 9.43 -8.63 -12.01
C LEU B 59 8.23 -8.76 -12.92
N LEU B 60 7.16 -9.17 -12.25
CA LEU B 60 5.77 -9.21 -12.69
C LEU B 60 4.91 -8.44 -11.65
N VAL B 61 3.82 -7.94 -12.14
CA VAL B 61 2.74 -7.25 -11.40
C VAL B 61 1.49 -8.13 -11.60
N ARG B 62 0.82 -8.50 -10.55
CA ARG B 62 -0.37 -9.27 -10.35
C ARG B 62 -1.48 -8.44 -9.70
N ILE B 63 -2.47 -8.18 -10.61
CA ILE B 63 -3.66 -7.40 -10.23
C ILE B 63 -4.94 -8.17 -10.20
N GLY B 64 -5.83 -7.93 -9.31
CA GLY B 64 -7.13 -8.62 -9.22
C GLY B 64 -7.02 -9.71 -8.19
N LYS B 65 -5.88 -9.73 -7.46
CA LYS B 65 -5.70 -10.90 -6.53
C LYS B 65 -6.50 -10.90 -5.23
N HIS B 66 -6.68 -12.11 -4.67
CA HIS B 66 -7.40 -12.31 -3.42
C HIS B 66 -6.54 -13.33 -2.63
N SER B 67 -6.37 -14.41 -3.34
CA SER B 67 -5.57 -15.54 -2.77
C SER B 67 -4.09 -15.11 -2.93
N ARG B 68 -3.31 -15.38 -1.91
CA ARG B 68 -1.87 -15.05 -1.96
C ARG B 68 -1.09 -15.82 -3.03
N THR B 69 -1.34 -17.11 -2.97
CA THR B 69 -0.74 -18.27 -3.64
C THR B 69 -1.30 -18.91 -4.85
N ARG B 70 -2.64 -18.85 -5.01
CA ARG B 70 -3.22 -19.44 -6.20
C ARG B 70 -3.13 -18.58 -7.45
N TYR B 71 -3.10 -19.24 -8.61
CA TYR B 71 -3.14 -18.51 -9.88
C TYR B 71 -4.63 -18.29 -10.11
N GLU B 72 -5.14 -17.10 -9.87
CA GLU B 72 -6.60 -16.83 -9.94
C GLU B 72 -7.09 -16.59 -11.36
N ARG B 73 -7.27 -17.77 -11.94
CA ARG B 73 -7.65 -18.16 -13.24
C ARG B 73 -8.65 -17.24 -13.86
N ASN B 74 -9.89 -16.95 -13.67
CA ASN B 74 -10.22 -15.88 -14.81
C ASN B 74 -10.19 -14.50 -14.17
N ILE B 75 -9.54 -14.27 -13.04
CA ILE B 75 -9.60 -13.07 -12.25
C ILE B 75 -8.39 -12.16 -12.31
N GLU B 76 -7.19 -12.61 -11.93
CA GLU B 76 -6.06 -11.74 -11.86
C GLU B 76 -5.55 -11.42 -13.24
N LYS B 77 -4.91 -10.27 -13.43
CA LYS B 77 -4.22 -9.80 -14.63
C LYS B 77 -2.73 -9.80 -14.18
N ILE B 78 -1.81 -10.24 -15.01
CA ILE B 78 -0.38 -10.26 -14.74
C ILE B 78 0.32 -9.32 -15.70
N SER B 79 1.18 -8.41 -15.30
CA SER B 79 1.74 -7.54 -16.37
C SER B 79 3.25 -7.46 -16.16
N MET B 80 3.77 -6.98 -17.26
CA MET B 80 5.20 -6.71 -17.44
C MET B 80 5.40 -5.18 -17.43
N LEU B 81 6.62 -4.84 -16.96
CA LEU B 81 6.90 -3.41 -16.79
C LEU B 81 7.63 -2.85 -18.00
N GLU B 82 7.30 -1.61 -18.28
CA GLU B 82 8.07 -0.98 -19.33
C GLU B 82 9.22 -0.21 -18.64
N LYS B 83 8.98 0.50 -17.55
CA LYS B 83 9.96 1.33 -16.84
C LYS B 83 9.65 1.45 -15.32
N ILE B 84 10.72 1.63 -14.57
CA ILE B 84 10.76 1.82 -13.13
C ILE B 84 11.26 3.22 -12.75
N TYR B 85 10.59 3.94 -11.88
CA TYR B 85 11.10 5.22 -11.46
C TYR B 85 11.08 5.24 -9.91
N ILE B 86 12.27 5.62 -9.47
CA ILE B 86 12.54 5.83 -8.04
C ILE B 86 12.76 7.32 -7.76
N HIS B 87 12.19 7.73 -6.64
CA HIS B 87 12.47 9.16 -6.30
C HIS B 87 13.97 9.38 -6.30
N PRO B 88 14.47 10.45 -6.98
CA PRO B 88 15.85 10.85 -7.04
C PRO B 88 16.50 11.05 -5.69
N ARG B 89 15.87 11.59 -4.70
CA ARG B 89 16.33 11.79 -3.32
C ARG B 89 15.86 10.77 -2.31
N TYR B 90 15.53 9.56 -2.79
CA TYR B 90 15.03 8.52 -1.84
C TYR B 90 16.22 8.26 -0.89
N ASN B 91 16.11 8.18 0.42
CA ASN B 91 17.15 7.94 1.38
C ASN B 91 17.23 6.51 1.93
N TRP B 92 17.98 5.69 1.21
CA TRP B 92 18.10 4.29 1.69
C TRP B 92 19.20 4.20 2.77
N ARG B 93 20.06 5.22 2.81
CA ARG B 93 21.16 5.25 3.76
C ARG B 93 20.71 5.50 5.17
N GLU B 94 19.82 6.42 5.47
CA GLU B 94 19.57 6.51 6.93
C GLU B 94 18.18 6.18 7.30
N ASN B 95 17.16 6.70 6.62
CA ASN B 95 15.79 6.44 7.14
C ASN B 95 14.66 6.08 6.18
N LEU B 96 14.92 5.71 4.93
CA LEU B 96 13.85 5.42 3.95
C LEU B 96 13.02 6.68 3.66
N ASP B 97 13.64 7.83 3.80
CA ASP B 97 13.04 9.13 3.52
C ASP B 97 12.78 9.11 1.96
N ARG B 98 11.39 9.46 1.67
CA ARG B 98 10.73 9.37 0.32
C ARG B 98 10.47 7.92 -0.10
N ASP B 99 10.50 7.25 0.40
CA ASP B 99 10.33 5.84 0.04
C ASP B 99 9.12 5.64 -0.95
N ILE B 100 9.37 5.97 -2.20
CA ILE B 100 8.30 5.94 -3.25
C ILE B 100 8.92 5.71 -4.64
N ALA B 101 8.16 4.94 -5.45
CA ALA B 101 8.62 4.66 -6.82
C ALA B 101 7.32 4.40 -7.61
N LEU B 102 7.36 4.65 -8.92
CA LEU B 102 6.36 4.41 -9.91
C LEU B 102 6.90 3.34 -10.90
N MET B 103 5.91 2.53 -11.25
CA MET B 103 6.14 1.46 -12.31
C MET B 103 5.11 1.67 -13.43
N LYS B 104 5.57 1.79 -14.61
CA LYS B 104 4.83 1.91 -15.86
C LYS B 104 4.66 0.50 -16.50
N LEU B 105 3.37 0.17 -16.60
CA LEU B 105 3.03 -1.14 -17.22
C LEU B 105 3.27 -1.05 -18.76
N LYS B 106 3.75 -2.24 -19.19
CA LYS B 106 4.01 -2.46 -20.64
C LYS B 106 2.75 -2.13 -21.48
N LYS B 107 1.59 -2.59 -21.06
CA LYS B 107 0.33 -2.29 -21.79
C LYS B 107 -0.71 -2.01 -20.73
N PRO B 108 -1.62 -1.06 -20.97
CA PRO B 108 -2.67 -0.73 -20.02
C PRO B 108 -3.48 -1.95 -19.66
N VAL B 109 -3.99 -1.88 -18.46
CA VAL B 109 -4.82 -2.89 -17.84
C VAL B 109 -6.27 -2.43 -18.05
N ALA B 110 -7.00 -3.53 -18.27
CA ALA B 110 -8.47 -3.38 -18.40
C ALA B 110 -9.05 -3.59 -16.99
N PHE B 111 -9.87 -2.62 -16.62
CA PHE B 111 -10.56 -2.53 -15.36
C PHE B 111 -11.67 -3.56 -15.33
N SER B 112 -11.96 -4.12 -14.24
CA SER B 112 -13.03 -5.10 -13.99
C SER B 112 -13.51 -4.87 -12.56
N ASP B 113 -14.44 -5.60 -12.10
CA ASP B 113 -15.06 -5.73 -10.80
C ASP B 113 -13.96 -5.90 -9.69
N TYR B 114 -12.86 -6.52 -10.05
CA TYR B 114 -11.77 -6.85 -9.15
C TYR B 114 -10.50 -5.99 -9.30
N ILE B 115 -10.51 -5.19 -10.35
CA ILE B 115 -9.48 -4.30 -10.81
C ILE B 115 -10.02 -2.87 -11.17
N HIS B 116 -9.66 -1.96 -10.23
CA HIS B 116 -10.04 -0.57 -10.25
C HIS B 116 -9.05 0.35 -9.53
N PRO B 117 -8.64 1.51 -10.05
CA PRO B 117 -7.72 2.44 -9.45
C PRO B 117 -8.28 3.24 -8.27
N VAL B 118 -7.33 3.62 -7.48
CA VAL B 118 -7.57 4.40 -6.27
C VAL B 118 -7.26 5.88 -6.68
N CYS B 119 -7.83 6.87 -6.03
CA CYS B 119 -7.47 8.27 -6.32
C CYS B 119 -6.25 8.65 -5.44
N LEU B 120 -5.49 9.63 -5.92
CA LEU B 120 -4.40 10.32 -5.30
C LEU B 120 -4.99 11.63 -4.68
N PRO B 121 -4.54 11.92 -3.45
CA PRO B 121 -5.06 13.07 -2.76
C PRO B 121 -4.65 14.42 -3.43
N ASP B 122 -5.54 15.39 -3.21
CA ASP B 122 -5.36 16.81 -3.55
C ASP B 122 -5.06 17.49 -2.19
N ARG B 123 -4.58 18.73 -2.22
CA ARG B 123 -4.20 19.44 -1.01
C ARG B 123 -5.37 19.49 -0.03
N GLU B 124 -6.53 19.61 -0.61
CA GLU B 124 -7.72 19.78 0.27
C GLU B 124 -8.09 18.44 0.87
N THR B 125 -8.09 17.40 0.05
CA THR B 125 -8.44 16.08 0.68
C THR B 125 -7.42 15.75 1.78
N ALA B 126 -6.14 15.94 1.57
CA ALA B 126 -5.11 15.69 2.59
C ALA B 126 -5.28 16.47 3.88
N ALA B 127 -5.49 17.78 3.67
CA ALA B 127 -5.68 18.71 4.78
C ALA B 127 -6.81 18.24 5.69
N SER B 128 -7.96 17.87 5.12
CA SER B 128 -9.00 17.48 6.09
C SER B 128 -9.00 16.05 6.61
N LEU B 129 -8.29 15.15 6.04
CA LEU B 129 -8.30 13.79 6.51
C LEU B 129 -7.03 13.36 7.26
N LEU B 130 -5.88 13.87 6.88
CA LEU B 130 -4.65 13.40 7.58
C LEU B 130 -4.54 14.16 8.93
N GLN B 131 -5.31 13.69 9.85
CA GLN B 131 -5.52 14.20 11.18
C GLN B 131 -5.49 13.05 12.21
N ALA B 132 -4.78 13.38 13.33
CA ALA B 132 -4.57 12.40 14.39
C ALA B 132 -5.93 11.90 14.88
N GLY B 133 -6.10 10.61 15.02
CA GLY B 133 -7.35 10.00 15.38
C GLY B 133 -8.13 9.49 14.15
N TYR B 134 -7.97 10.06 12.99
CA TYR B 134 -8.73 9.67 11.80
C TYR B 134 -8.19 8.26 11.47
N LYS B 135 -9.04 7.33 11.13
CA LYS B 135 -8.43 6.01 10.78
C LYS B 135 -8.30 5.82 9.25
N GLY B 136 -7.32 5.04 8.84
CA GLY B 136 -7.08 4.75 7.43
C GLY B 136 -7.09 3.21 7.42
N ARG B 137 -6.93 2.54 6.30
CA ARG B 137 -7.00 1.11 6.20
C ARG B 137 -5.79 0.61 5.44
N VAL B 138 -5.16 -0.47 5.99
CA VAL B 138 -3.99 -0.97 5.21
C VAL B 138 -4.35 -2.40 4.73
N THR B 139 -3.79 -2.83 3.61
CA THR B 139 -3.99 -4.22 3.10
C THR B 139 -2.69 -4.90 2.62
N GLY B 140 -2.65 -6.23 2.75
CA GLY B 140 -1.46 -6.95 2.19
C GLY B 140 -1.56 -8.41 2.63
N TRP B 141 -0.68 -9.16 2.04
CA TRP B 141 -0.43 -10.58 2.17
C TRP B 141 0.81 -10.89 3.00
N GLY B 142 1.22 -9.96 3.87
CA GLY B 142 2.44 -10.12 4.67
C GLY B 142 2.19 -10.87 5.98
N ASN B 143 3.30 -10.99 6.73
CA ASN B 143 3.27 -11.72 7.98
C ASN B 143 2.15 -11.17 8.87
N LEU B 144 1.66 -12.24 9.54
CA LEU B 144 0.54 -12.15 10.46
C LEU B 144 1.02 -11.96 11.90
N LYS B 145 2.30 -12.23 12.00
CA LYS B 145 2.93 -12.16 13.37
C LYS B 145 4.40 -11.76 13.18
N GLU B 146 4.85 -10.93 14.10
CA GLU B 146 6.27 -10.49 14.07
C GLU B 146 7.23 -11.69 14.14
N GLY B 155 2.07 -18.05 9.46
CA GLY B 155 2.54 -16.68 9.40
C GLY B 155 2.22 -15.94 8.12
N GLN B 156 2.02 -16.62 7.04
CA GLN B 156 1.63 -15.97 5.75
C GLN B 156 0.17 -16.35 5.51
N PRO B 157 -0.61 -15.33 5.15
CA PRO B 157 -2.08 -15.51 5.09
C PRO B 157 -2.45 -16.33 3.85
N SER B 158 -3.71 -16.74 3.93
CA SER B 158 -4.13 -17.47 2.69
C SER B 158 -4.75 -16.45 1.73
N VAL B 159 -5.45 -15.51 2.29
CA VAL B 159 -6.13 -14.43 1.44
C VAL B 159 -5.63 -13.05 1.88
N LEU B 160 -5.98 -12.04 1.08
CA LEU B 160 -5.67 -10.65 1.36
C LEU B 160 -6.18 -10.29 2.77
N GLN B 161 -5.36 -9.56 3.55
CA GLN B 161 -5.74 -9.14 4.92
C GLN B 161 -5.92 -7.60 4.90
N VAL B 162 -6.74 -7.16 5.83
CA VAL B 162 -7.07 -5.77 6.01
C VAL B 162 -7.03 -5.35 7.48
N VAL B 163 -6.62 -4.13 7.78
CA VAL B 163 -6.76 -3.66 9.20
C VAL B 163 -7.04 -2.14 9.13
N ASN B 164 -7.78 -1.63 10.02
CA ASN B 164 -8.10 -0.19 10.19
C ASN B 164 -7.26 0.41 11.32
N LEU B 165 -6.44 1.38 11.04
CA LEU B 165 -5.56 2.03 12.08
C LEU B 165 -5.71 3.53 12.11
N PRO B 166 -5.61 4.10 13.31
CA PRO B 166 -5.74 5.56 13.49
C PRO B 166 -4.44 6.29 13.23
N ILE B 167 -4.39 7.47 12.67
CA ILE B 167 -3.20 8.31 12.44
C ILE B 167 -2.75 8.79 13.85
N VAL B 168 -1.43 8.89 14.00
CA VAL B 168 -0.88 9.27 15.36
C VAL B 168 -0.24 10.64 15.21
N GLU B 169 -0.40 11.49 16.16
CA GLU B 169 0.24 12.84 16.13
C GLU B 169 1.74 12.77 16.02
N ARG B 170 2.34 13.58 15.18
CA ARG B 170 3.79 13.64 14.98
C ARG B 170 4.66 13.36 16.22
N PRO B 171 4.48 14.10 17.29
CA PRO B 171 5.29 14.05 18.52
C PRO B 171 5.43 12.64 19.10
N VAL B 172 4.28 12.02 19.27
CA VAL B 172 4.23 10.61 19.67
C VAL B 172 5.04 9.71 18.70
N CYS B 173 4.96 10.09 17.39
CA CYS B 173 5.69 9.33 16.39
C CYS B 173 7.20 9.37 16.73
N LYS B 174 7.59 10.65 16.91
CA LYS B 174 9.01 10.95 17.14
C LYS B 174 9.62 10.31 18.40
N ASP B 175 8.86 10.30 19.46
CA ASP B 175 9.14 9.76 20.79
C ASP B 175 9.11 8.25 20.95
N SER B 176 8.66 7.53 19.95
CA SER B 176 8.61 6.07 19.87
C SER B 176 9.93 5.54 19.24
N THR B 177 10.74 6.41 18.60
CA THR B 177 11.88 5.75 17.95
C THR B 177 13.13 6.57 18.14
N ARG B 178 14.21 6.04 17.64
CA ARG B 178 15.50 6.75 17.71
C ARG B 178 15.81 7.18 16.29
N ILE B 179 15.07 6.78 15.31
CA ILE B 179 15.23 7.18 13.91
C ILE B 179 14.68 8.58 13.65
N ARG B 180 15.38 9.30 12.79
CA ARG B 180 14.93 10.63 12.35
C ARG B 180 13.74 10.56 11.36
N ILE B 181 12.59 10.98 11.79
CA ILE B 181 11.26 11.12 11.10
C ILE B 181 11.23 12.47 10.32
N THR B 182 10.94 12.50 9.06
CA THR B 182 10.85 13.71 8.23
C THR B 182 9.34 13.94 7.96
N ASP B 183 9.10 15.01 7.26
CA ASP B 183 7.76 15.43 6.87
C ASP B 183 7.21 14.47 5.77
N ASN B 184 8.07 13.77 5.05
CA ASN B 184 7.57 12.83 4.06
C ASN B 184 7.10 11.54 4.71
N MET B 185 6.78 11.50 5.96
CA MET B 185 6.37 10.29 6.66
C MET B 185 5.31 10.61 7.71
N PHE B 186 4.52 9.55 8.00
CA PHE B 186 3.52 9.73 9.10
C PHE B 186 3.51 8.37 9.79
N CYS B 187 2.86 8.27 10.94
CA CYS B 187 2.82 6.89 11.59
C CYS B 187 1.37 6.78 12.03
N ALA B 188 1.04 5.53 12.17
CA ALA B 188 -0.29 5.01 12.47
C ALA B 188 -0.25 3.72 13.30
N GLY B 189 -1.14 3.63 14.24
CA GLY B 189 -1.37 2.55 15.16
C GLY B 189 -2.10 3.01 16.39
N TYR B 190 -2.56 2.00 17.13
CA TYR B 190 -3.16 2.29 18.44
C TYR B 190 -2.02 2.40 19.48
N LYS B 191 -2.37 3.20 20.46
CA LYS B 191 -1.57 3.43 21.70
C LYS B 191 -1.78 2.20 22.59
N PRO B 192 -0.83 1.95 23.49
CA PRO B 192 -0.86 0.75 24.35
C PRO B 192 -2.04 0.79 25.29
N ASP B 193 -2.46 2.01 25.62
CA ASP B 193 -3.60 2.22 26.53
C ASP B 193 -4.90 1.92 25.80
N GLU B 194 -4.91 2.13 24.50
CA GLU B 194 -6.03 2.05 23.61
C GLU B 194 -6.74 0.73 23.51
N GLY B 195 -6.02 -0.35 23.82
CA GLY B 195 -6.63 -1.67 23.80
C GLY B 195 -7.36 -2.16 22.58
N LYS B 196 -6.76 -2.04 21.42
CA LYS B 196 -7.03 -2.45 20.07
C LYS B 196 -5.58 -2.57 19.53
N ARG B 197 -5.25 -3.52 18.72
CA ARG B 197 -3.91 -3.72 18.14
C ARG B 197 -4.05 -3.77 16.60
N GLY B 198 -2.98 -4.00 15.93
CA GLY B 198 -2.87 -4.26 14.51
C GLY B 198 -1.73 -3.41 13.98
N ASP B 199 -1.21 -3.88 12.88
CA ASP B 199 -0.06 -3.21 12.23
C ASP B 199 0.14 -3.92 10.88
N ALA B 200 0.98 -3.29 10.08
CA ALA B 200 1.45 -3.90 8.88
C ALA B 200 2.66 -4.73 9.43
N CYS B 201 3.29 -5.51 8.61
CA CYS B 201 4.39 -6.36 8.93
C CYS B 201 5.19 -6.63 7.67
N GLU B 202 6.27 -7.81 7.88
CA GLU B 202 7.27 -8.03 6.77
C GLU B 202 6.59 -8.69 5.59
N GLY B 203 6.55 -7.92 4.35
CA GLY B 203 5.86 -8.43 3.18
C GLY B 203 4.69 -7.51 2.74
N ASP B 204 4.24 -6.65 3.66
CA ASP B 204 3.15 -5.67 3.39
C ASP B 204 3.77 -4.41 2.71
N SER B 205 5.05 -4.22 2.77
CA SER B 205 5.76 -3.07 2.21
C SER B 205 5.16 -2.74 0.83
N GLY B 206 5.10 -1.42 0.62
CA GLY B 206 4.67 -0.88 -0.67
C GLY B 206 3.17 -0.92 -0.87
N GLY B 207 2.39 -1.47 -0.02
CA GLY B 207 0.93 -1.52 -0.13
C GLY B 207 0.38 -0.13 0.26
N PRO B 208 -0.97 -0.04 -0.01
CA PRO B 208 -1.65 1.27 0.21
C PRO B 208 -2.14 1.60 1.59
N PHE B 209 -1.97 2.84 2.10
CA PHE B 209 -2.69 3.23 3.35
C PHE B 209 -3.86 4.08 2.75
N VAL B 210 -5.14 3.75 2.87
CA VAL B 210 -6.26 4.42 2.20
C VAL B 210 -7.26 4.98 3.15
N MET B 211 -7.93 6.04 2.78
CA MET B 211 -9.02 6.62 3.58
C MET B 211 -10.20 6.85 2.63
N LYS B 212 -11.39 6.80 3.11
CA LYS B 212 -12.58 7.03 2.30
C LYS B 212 -13.03 8.48 2.59
N SER B 213 -13.09 9.31 1.56
CA SER B 213 -13.56 10.69 1.86
C SER B 213 -15.05 10.70 2.24
N PRO B 214 -15.39 11.51 3.28
CA PRO B 214 -16.81 11.65 3.63
C PRO B 214 -17.52 12.65 2.70
N PHE B 215 -16.84 13.50 1.98
CA PHE B 215 -17.37 14.52 1.10
C PHE B 215 -17.87 13.96 -0.24
N ASN B 216 -16.97 13.17 -0.88
CA ASN B 216 -17.36 12.64 -2.20
C ASN B 216 -17.45 11.14 -2.23
N ASN B 217 -17.45 10.34 -1.15
CA ASN B 217 -17.44 8.90 -1.04
C ASN B 217 -16.41 8.03 -1.82
N ARG B 218 -15.26 8.70 -2.18
CA ARG B 218 -14.17 8.13 -2.89
C ARG B 218 -13.01 7.67 -1.97
N TRP B 219 -12.33 6.65 -2.49
CA TRP B 219 -11.16 6.10 -1.77
C TRP B 219 -9.91 6.83 -2.19
N TYR B 220 -9.12 7.28 -1.24
CA TYR B 220 -7.84 8.00 -1.54
C TYR B 220 -6.63 7.30 -0.97
N GLN B 221 -5.55 7.22 -1.71
CA GLN B 221 -4.32 6.65 -1.13
C GLN B 221 -3.54 7.72 -0.34
N MET B 222 -3.43 7.70 0.95
CA MET B 222 -2.67 8.72 1.70
C MET B 222 -1.21 8.32 1.95
N GLY B 223 -1.01 7.01 2.21
CA GLY B 223 0.27 6.44 2.56
C GLY B 223 0.69 5.23 1.79
N ILE B 224 1.99 4.99 1.88
CA ILE B 224 2.63 3.73 1.38
C ILE B 224 3.35 3.04 2.52
N VAL B 225 3.09 1.77 2.82
CA VAL B 225 3.72 0.94 3.85
C VAL B 225 5.27 1.02 3.62
N SER B 226 5.90 1.59 4.66
CA SER B 226 7.36 1.77 4.56
C SER B 226 8.18 0.91 5.52
N TRP B 227 8.09 1.14 6.85
CA TRP B 227 8.95 0.42 7.83
C TRP B 227 8.37 0.46 9.22
N GLY B 228 9.10 -0.27 10.04
CA GLY B 228 8.72 -0.22 11.52
C GLY B 228 9.82 -0.89 12.35
N GLU B 229 9.52 -1.20 13.60
CA GLU B 229 10.42 -1.95 14.47
C GLU B 229 9.62 -3.11 15.06
N GLY B 230 9.91 -4.22 14.35
CA GLY B 230 9.06 -5.41 14.76
C GLY B 230 7.66 -5.08 14.12
N CYS B 231 6.64 -5.78 14.57
CA CYS B 231 5.26 -5.62 14.15
C CYS B 231 4.40 -5.70 15.42
N ASP B 232 3.46 -4.83 15.52
CA ASP B 232 2.46 -4.83 16.61
C ASP B 232 3.03 -4.74 18.03
N ARG B 233 4.15 -4.02 18.11
CA ARG B 233 4.82 -3.92 19.42
C ARG B 233 4.18 -2.86 20.23
N ASP B 234 3.83 -3.07 21.48
CA ASP B 234 3.32 -2.00 22.37
C ASP B 234 4.26 -0.79 22.38
N GLY B 235 3.80 0.37 22.16
CA GLY B 235 4.38 1.68 22.16
C GLY B 235 5.19 2.00 20.93
N LYS B 236 4.98 1.24 19.89
CA LYS B 236 5.58 1.39 18.57
C LYS B 236 4.49 1.53 17.51
N TYR B 237 4.91 2.07 16.35
CA TYR B 237 4.07 2.40 15.23
C TYR B 237 4.63 2.12 13.86
N GLY B 238 3.68 1.87 12.92
CA GLY B 238 4.16 1.66 11.51
C GLY B 238 4.38 3.07 10.90
N PHE B 239 5.33 3.16 10.01
CA PHE B 239 5.68 4.33 9.25
C PHE B 239 5.34 4.12 7.75
N TYR B 240 4.79 5.19 7.21
CA TYR B 240 4.26 5.30 5.84
C TYR B 240 4.73 6.48 5.06
N THR B 241 5.11 6.33 3.80
CA THR B 241 5.49 7.51 2.99
C THR B 241 4.23 8.37 2.80
N HIS B 242 4.37 9.63 3.01
CA HIS B 242 3.25 10.61 2.91
C HIS B 242 3.08 10.94 1.42
N VAL B 243 2.06 10.35 0.84
CA VAL B 243 1.88 10.42 -0.61
C VAL B 243 1.63 11.87 -1.02
N PHE B 244 0.75 12.53 -0.25
CA PHE B 244 0.56 13.94 -0.69
C PHE B 244 1.80 14.80 -0.80
N ARG B 245 2.72 14.71 0.14
CA ARG B 245 3.96 15.54 0.08
C ARG B 245 4.78 15.21 -1.13
N LEU B 246 4.73 14.05 -1.74
CA LEU B 246 5.51 13.64 -2.90
C LEU B 246 4.82 13.64 -4.27
N LYS B 247 3.61 14.18 -4.27
CA LYS B 247 2.72 14.33 -5.38
C LYS B 247 3.28 15.07 -6.60
N LYS B 248 4.01 16.15 -6.34
CA LYS B 248 4.64 16.92 -7.43
C LYS B 248 5.62 16.04 -8.16
N TRP B 249 6.33 15.18 -7.41
CA TRP B 249 7.25 14.25 -8.14
C TRP B 249 6.43 13.33 -9.04
N ILE B 250 5.34 12.84 -8.45
CA ILE B 250 4.45 11.86 -9.12
C ILE B 250 3.91 12.42 -10.47
N GLN B 251 3.32 13.60 -10.37
CA GLN B 251 2.75 14.35 -11.52
C GLN B 251 3.83 14.48 -12.61
N LYS B 252 4.94 14.99 -12.05
CA LYS B 252 6.15 15.21 -12.84
C LYS B 252 6.38 13.97 -13.68
N VAL B 253 6.59 12.80 -13.08
CA VAL B 253 6.90 11.65 -13.93
C VAL B 253 5.84 11.22 -14.91
N ILE B 254 4.60 11.23 -14.51
CA ILE B 254 3.47 10.81 -15.34
C ILE B 254 3.40 11.78 -16.51
N ASP B 255 3.46 13.06 -16.27
CA ASP B 255 3.46 14.11 -17.27
C ASP B 255 4.63 14.05 -18.20
N GLN B 256 5.85 13.74 -17.80
CA GLN B 256 7.00 13.62 -18.71
C GLN B 256 7.01 12.27 -19.41
N PHE B 257 6.44 11.25 -18.75
CA PHE B 257 6.48 9.93 -19.36
C PHE B 257 5.15 9.28 -19.67
N GLY B 258 3.92 9.67 -19.49
CA GLY B 258 2.85 8.74 -19.86
C GLY B 258 1.52 9.11 -20.43
N GLU B 259 0.52 8.62 -19.72
CA GLU B 259 -0.90 8.92 -19.79
C GLU B 259 -1.43 9.27 -21.18
N ASP C 2 13.19 -1.47 10.56
CA ASP C 2 12.88 -2.68 9.76
C ASP C 2 12.03 -2.41 8.51
N PRO C 3 12.66 -2.47 7.35
CA PRO C 3 11.90 -2.30 6.08
C PRO C 3 10.86 -3.42 5.97
N GLY C 5 9.98 -6.33 3.51
CA GLY C 5 10.99 -6.42 2.40
C GLY C 5 11.05 -7.89 1.88
N GLY C 6 9.96 -8.67 2.06
CA GLY C 6 9.92 -10.09 1.54
C GLY C 6 8.75 -10.98 2.09
N GLY C 7 7.87 -11.42 1.21
CA GLY C 7 6.69 -12.26 1.60
C GLY C 7 7.11 -13.71 1.93
N GLY C 8 8.37 -14.01 1.61
CA GLY C 8 9.03 -15.31 1.88
C GLY C 8 8.75 -16.35 0.77
N GLY C 9 8.11 -17.41 1.22
CA GLY C 9 7.64 -18.52 0.39
C GLY C 9 8.77 -19.26 -0.35
N ASN C 10 9.01 -18.80 -1.57
CA ASN C 10 9.94 -19.47 -2.48
C ASN C 10 9.52 -20.94 -2.44
N GLY C 11 8.22 -21.09 -2.17
CA GLY C 11 7.58 -22.39 -2.03
C GLY C 11 6.12 -22.43 -2.52
N ASP C 12 5.20 -22.37 -1.54
CA ASP C 12 3.76 -22.58 -1.81
C ASP C 12 3.18 -21.73 -2.90
N PHE C 13 3.81 -21.42 -3.99
CA PHE C 13 3.23 -20.58 -5.02
C PHE C 13 2.74 -21.48 -6.16
N GLU C 14 1.66 -21.08 -6.79
CA GLU C 14 1.15 -21.88 -7.92
C GLU C 14 1.79 -21.30 -9.18
N GLU C 15 1.93 -22.17 -10.16
CA GLU C 15 2.56 -21.84 -11.45
C GLU C 15 1.73 -20.79 -12.21
N ILE C 16 2.46 -19.77 -12.65
CA ILE C 16 1.87 -18.59 -13.31
C ILE C 16 1.53 -18.91 -14.79
#